data_5FYU
#
_entry.id   5FYU
#
_cell.length_a   142.010
_cell.length_b   142.010
_cell.length_c   152.200
_cell.angle_alpha   90.00
_cell.angle_beta   90.00
_cell.angle_gamma   120.00
#
_symmetry.space_group_name_H-M   'P 65 2 2'
#
loop_
_entity.id
_entity.type
_entity.pdbx_description
1 polymer 'LYSINE-SPECIFIC DEMETHYLASE 5B'
2 non-polymer 'ZINC ION'
3 non-polymer 'MANGANESE (II) ION'
4 non-polymer 'PHOSPHATE ION'
5 non-polymer 1,2-ETHANEDIOL
6 non-polymer 'DIMETHYL SULFOXIDE'
7 non-polymer (3R)-3-azanyl-4-methyl-1,3-dihydroindol-2-one
8 non-polymer 'CHLORIDE ION'
9 water water
#
_entity_poly.entity_id   1
_entity_poly.type   'polypeptide(L)'
_entity_poly.pdbx_seq_one_letter_code
;SMFLPPPECPVFEPSWEEFADPFAFIHKIRPIAEQTGICKVRPPPDWQPPFACDVDKLHFTPRIQRLNELEAQTRVKLGG
GGARDYTLRTFGEMADAFKSDYFNMPVHMVPTELVEKEFWRLVSTIEEDVTVEYGADIASKEFGSGFPVRDGKIKLSPEE
EEYLDSGWNLNNMPVMEQSVLAHITADICGMKLPWLYVGMCFSSFCWHIEDHWSYSINYLHWGEPKTWYGVPGYAAEQLE
NVMKKLAPELFVSQPDLLHQLVTIMNPNTLMTHEVPVYRTNQCAGEFVITFPRAYHSGFNQGFNFAEAVNFCTVDWLPLG
RQCVEHYRLLHRYCVFSHDEMICKMASKADVLDVVVASTVQKDMAIMIEDEKALRETVRKLGVIDSERMDFELLPDDERQ
CVKCKTTCFMSAISCSCKPGLLVCLHHVKELCSCPPYKYKLRYRYTLDDLYPMMNALKLRAESYNEWALNVNEALEAKI
;
_entity_poly.pdbx_strand_id   A
#
# COMPACT_ATOMS: atom_id res chain seq x y z
N SER A 1 20.35 -26.10 -3.43
CA SER A 1 20.25 -26.66 -4.75
C SER A 1 18.83 -26.49 -5.27
N MET A 2 18.71 -26.05 -6.53
CA MET A 2 17.42 -25.64 -7.09
C MET A 2 16.74 -24.53 -6.26
N PHE A 3 16.25 -24.80 -5.05
CA PHE A 3 15.70 -23.70 -4.23
C PHE A 3 16.05 -23.78 -2.74
N LEU A 4 16.74 -22.77 -2.26
CA LEU A 4 17.04 -22.66 -0.83
C LEU A 4 16.12 -21.64 -0.16
N PRO A 5 15.21 -22.12 0.71
CA PRO A 5 14.28 -21.20 1.38
C PRO A 5 15.00 -20.11 2.18
N PRO A 6 14.59 -18.85 2.00
CA PRO A 6 15.13 -17.77 2.85
C PRO A 6 14.86 -18.04 4.32
N PRO A 7 15.63 -17.39 5.21
CA PRO A 7 15.35 -17.53 6.63
C PRO A 7 13.94 -17.06 6.98
N GLU A 8 13.39 -17.60 8.06
CA GLU A 8 12.05 -17.23 8.51
C GLU A 8 12.00 -15.80 9.06
N CYS A 9 10.90 -15.11 8.84
CA CYS A 9 10.72 -13.77 9.39
C CYS A 9 10.25 -13.88 10.84
N PRO A 10 10.35 -12.79 11.62
CA PRO A 10 9.85 -12.79 13.01
C PRO A 10 8.40 -13.24 13.09
N VAL A 11 8.07 -13.96 14.16
CA VAL A 11 6.69 -14.33 14.45
C VAL A 11 6.41 -13.82 15.85
N PHE A 12 5.31 -13.09 16.01
CA PHE A 12 4.99 -12.51 17.31
C PHE A 12 3.73 -13.14 17.86
N GLU A 13 3.77 -13.45 19.16
CA GLU A 13 2.62 -13.94 19.89
C GLU A 13 2.28 -12.98 21.02
N PRO A 14 1.54 -11.90 20.70
CA PRO A 14 1.16 -10.94 21.72
C PRO A 14 0.16 -11.52 22.72
N SER A 15 0.33 -11.17 24.00
CA SER A 15 -0.69 -11.44 25.02
C SER A 15 -1.89 -10.57 24.75
N TRP A 16 -3.04 -10.90 25.32
CA TRP A 16 -4.23 -10.11 25.04
C TRP A 16 -3.99 -8.66 25.45
N GLU A 17 -3.19 -8.44 26.49
CA GLU A 17 -2.85 -7.09 26.92
C GLU A 17 -2.17 -6.30 25.80
N GLU A 18 -1.12 -6.88 25.20
CA GLU A 18 -0.38 -6.25 24.11
C GLU A 18 -1.25 -6.08 22.87
N PHE A 19 -2.08 -7.09 22.61
CA PHE A 19 -2.89 -7.18 21.40
C PHE A 19 -4.00 -6.15 21.36
N ALA A 20 -4.43 -5.69 22.54
CA ALA A 20 -5.57 -4.79 22.67
C ALA A 20 -5.45 -3.60 21.72
N ASP A 21 -4.32 -2.90 21.77
CA ASP A 21 -4.08 -1.79 20.85
C ASP A 21 -3.06 -2.14 19.76
N PRO A 22 -3.55 -2.32 18.53
CA PRO A 22 -2.69 -2.68 17.39
C PRO A 22 -1.58 -1.66 17.15
N PHE A 23 -1.90 -0.37 17.24
CA PHE A 23 -0.89 0.63 16.93
C PHE A 23 0.22 0.63 17.96
N ALA A 24 -0.14 0.43 19.23
CA ALA A 24 0.89 0.32 20.26
C ALA A 24 1.74 -0.92 20.03
N PHE A 25 1.09 -2.03 19.68
CA PHE A 25 1.81 -3.27 19.44
C PHE A 25 2.76 -3.16 18.25
N ILE A 26 2.23 -2.64 17.14
CA ILE A 26 3.05 -2.47 15.95
C ILE A 26 4.27 -1.61 16.26
N HIS A 27 4.05 -0.56 17.04
CA HIS A 27 5.16 0.33 17.42
C HIS A 27 6.20 -0.45 18.22
N LYS A 28 5.75 -1.36 19.07
CA LYS A 28 6.68 -2.12 19.91
C LYS A 28 7.56 -3.06 19.08
N ILE A 29 6.96 -3.80 18.15
CA ILE A 29 7.74 -4.77 17.36
C ILE A 29 8.57 -4.10 16.26
N ARG A 30 8.26 -2.84 15.99
CA ARG A 30 8.89 -2.14 14.88
C ARG A 30 10.42 -2.21 14.80
N PRO A 31 11.14 -2.09 15.94
CA PRO A 31 12.59 -2.17 15.77
C PRO A 31 13.08 -3.52 15.26
N ILE A 32 12.37 -4.59 15.59
CA ILE A 32 12.69 -5.94 15.11
C ILE A 32 12.24 -6.17 13.67
N ALA A 33 10.94 -6.02 13.46
CA ALA A 33 10.31 -6.32 12.18
C ALA A 33 10.75 -5.44 11.02
N GLU A 34 11.20 -4.21 11.29
CA GLU A 34 11.60 -3.34 10.19
C GLU A 34 12.95 -3.77 9.64
N GLN A 35 13.62 -4.67 10.35
CA GLN A 35 14.90 -5.21 9.88
C GLN A 35 14.67 -6.39 8.93
N THR A 36 13.45 -6.89 8.90
CA THR A 36 13.10 -8.01 8.04
C THR A 36 11.99 -7.69 7.04
N GLY A 37 11.37 -6.53 7.19
CA GLY A 37 10.42 -6.06 6.19
C GLY A 37 9.02 -6.60 6.40
N ILE A 38 8.92 -7.91 6.63
CA ILE A 38 7.62 -8.47 7.01
C ILE A 38 7.76 -9.17 8.35
N CYS A 39 6.63 -9.37 9.00
CA CYS A 39 6.59 -10.22 10.18
C CYS A 39 5.20 -10.81 10.26
N LYS A 40 5.06 -11.83 11.10
CA LYS A 40 3.77 -12.47 11.26
C LYS A 40 3.27 -12.20 12.67
N VAL A 41 1.97 -12.06 12.82
CA VAL A 41 1.39 -11.84 14.14
C VAL A 41 0.32 -12.87 14.40
N ARG A 42 0.51 -13.68 15.43
CA ARG A 42 -0.51 -14.64 15.81
C ARG A 42 -1.33 -14.07 16.96
N PRO A 43 -2.64 -13.90 16.73
CA PRO A 43 -3.50 -13.35 17.78
C PRO A 43 -3.57 -14.30 18.96
N PRO A 44 -3.88 -13.79 20.15
CA PRO A 44 -4.16 -14.66 21.30
C PRO A 44 -5.21 -15.71 20.94
N PRO A 45 -5.11 -16.91 21.52
CA PRO A 45 -5.89 -18.09 21.11
C PRO A 45 -7.40 -17.86 21.11
N ASP A 46 -7.86 -16.99 22.02
CA ASP A 46 -9.27 -16.73 22.17
C ASP A 46 -9.74 -15.56 21.29
N TRP A 47 -8.87 -15.09 20.41
CA TRP A 47 -9.27 -14.10 19.42
C TRP A 47 -9.68 -14.84 18.15
N GLN A 48 -10.96 -15.21 18.06
CA GLN A 48 -11.44 -15.82 16.84
C GLN A 48 -12.61 -15.02 16.34
N PRO A 49 -12.38 -14.16 15.33
CA PRO A 49 -13.46 -13.47 14.64
C PRO A 49 -14.35 -14.50 13.99
N PRO A 50 -15.66 -14.27 14.00
CA PRO A 50 -16.55 -15.24 13.37
C PRO A 50 -16.47 -15.10 11.87
N PHE A 51 -16.05 -16.14 11.16
CA PHE A 51 -16.26 -16.06 9.73
C PHE A 51 -17.44 -16.94 9.35
N ALA A 52 -18.38 -16.33 8.63
CA ALA A 52 -19.53 -17.05 8.11
C ALA A 52 -19.93 -16.40 6.81
N CYS A 53 -20.28 -17.23 5.83
CA CYS A 53 -20.74 -16.76 4.53
C CYS A 53 -21.43 -17.88 3.79
N ASP A 54 -22.33 -17.52 2.86
CA ASP A 54 -22.88 -18.49 1.94
C ASP A 54 -21.99 -18.56 0.71
N VAL A 55 -21.38 -19.73 0.50
CA VAL A 55 -20.44 -19.93 -0.60
C VAL A 55 -21.12 -19.88 -1.95
N ASP A 56 -22.43 -20.03 -1.96
CA ASP A 56 -23.19 -20.03 -3.21
C ASP A 56 -23.65 -18.63 -3.61
N LYS A 57 -23.59 -17.68 -2.68
CA LYS A 57 -24.10 -16.33 -2.96
C LYS A 57 -23.00 -15.29 -3.15
N LEU A 58 -21.79 -15.61 -2.71
CA LEU A 58 -20.65 -14.76 -3.02
C LEU A 58 -20.15 -15.08 -4.43
N HIS A 59 -20.16 -14.06 -5.29
CA HIS A 59 -19.73 -14.15 -6.70
CA HIS A 59 -19.56 -14.28 -6.60
C HIS A 59 -18.56 -13.18 -6.92
N PHE A 60 -17.68 -13.47 -7.86
CA PHE A 60 -16.66 -12.51 -8.28
C PHE A 60 -16.15 -12.84 -9.67
N THR A 61 -15.57 -11.83 -10.30
CA THR A 61 -14.99 -12.00 -11.63
C THR A 61 -13.54 -12.43 -11.45
N PRO A 62 -13.17 -13.60 -12.01
CA PRO A 62 -11.80 -14.08 -11.81
C PRO A 62 -10.81 -13.31 -12.66
N ARG A 63 -9.62 -13.09 -12.12
CA ARG A 63 -8.52 -12.58 -12.92
C ARG A 63 -7.60 -13.73 -13.31
N ILE A 64 -6.97 -13.63 -14.48
CA ILE A 64 -6.12 -14.69 -15.00
C ILE A 64 -4.66 -14.31 -14.89
N GLN A 65 -3.84 -15.29 -14.57
CA GLN A 65 -2.44 -15.05 -14.31
C GLN A 65 -1.55 -16.12 -14.95
N ARG A 66 -0.65 -15.70 -15.82
CA ARG A 66 0.44 -16.55 -16.32
C ARG A 66 1.58 -16.58 -15.31
N LEU A 67 2.27 -17.70 -15.20
CA LEU A 67 3.31 -17.82 -14.19
C LEU A 67 4.73 -17.96 -14.75
N ASN A 68 5.26 -16.87 -15.31
CA ASN A 68 6.64 -16.81 -15.78
C ASN A 68 7.52 -15.80 -15.03
N GLU A 69 8.64 -16.29 -14.50
CA GLU A 69 9.61 -15.43 -13.80
C GLU A 69 10.09 -14.30 -14.70
N LEU A 70 10.22 -13.10 -14.13
CA LEU A 70 10.71 -11.91 -14.83
C LEU A 70 9.77 -11.41 -15.93
N GLU A 71 8.68 -12.14 -16.19
CA GLU A 71 7.66 -11.69 -17.13
C GLU A 71 6.85 -10.56 -16.51
N ALA A 72 6.58 -9.51 -17.29
CA ALA A 72 5.82 -8.36 -16.80
C ALA A 72 4.36 -8.73 -16.53
N GLN A 73 3.87 -8.27 -15.38
CA GLN A 73 2.46 -8.33 -15.04
C GLN A 73 2.02 -6.92 -14.63
N THR A 74 0.73 -6.64 -14.72
CA THR A 74 0.22 -5.32 -14.33
C THR A 74 -0.45 -5.38 -12.95
N ARG A 75 -0.11 -4.42 -12.08
CA ARG A 75 -0.74 -4.31 -10.75
C ARG A 75 -2.26 -4.27 -10.92
N VAL A 76 -2.95 -5.00 -10.05
CA VAL A 76 -4.37 -5.25 -10.22
C VAL A 76 -5.18 -3.94 -10.25
N LYS A 77 -6.15 -3.91 -11.17
CA LYS A 77 -6.97 -2.73 -11.42
C LYS A 77 -8.17 -2.69 -10.45
N LEU A 78 -8.49 -1.49 -9.97
CA LEU A 78 -9.64 -1.30 -9.09
C LEU A 78 -10.96 -1.49 -9.86
N ARG A 84 -16.20 -13.40 -17.21
CA ARG A 84 -16.53 -14.66 -16.57
C ARG A 84 -17.01 -14.42 -15.14
N ASP A 85 -17.46 -15.48 -14.46
CA ASP A 85 -17.88 -15.35 -13.07
C ASP A 85 -17.91 -16.66 -12.28
N TYR A 86 -17.32 -16.63 -11.10
CA TYR A 86 -17.34 -17.79 -10.19
C TYR A 86 -18.15 -17.45 -8.96
N THR A 87 -18.85 -18.43 -8.39
CA THR A 87 -19.19 -18.28 -6.99
C THR A 87 -17.99 -18.78 -6.19
N LEU A 88 -17.97 -18.43 -4.91
CA LEU A 88 -16.94 -18.91 -4.04
C LEU A 88 -16.90 -20.44 -4.06
N ARG A 89 -18.06 -21.08 -4.11
CA ARG A 89 -18.08 -22.55 -4.21
C ARG A 89 -17.48 -23.07 -5.53
N THR A 90 -17.90 -22.51 -6.67
CA THR A 90 -17.40 -23.02 -7.94
C THR A 90 -15.91 -22.73 -8.09
N PHE A 91 -15.45 -21.58 -7.59
CA PHE A 91 -14.02 -21.32 -7.62
C PHE A 91 -13.27 -22.33 -6.75
N GLY A 92 -13.82 -22.59 -5.58
CA GLY A 92 -13.23 -23.53 -4.63
C GLY A 92 -13.11 -24.92 -5.25
N GLU A 93 -14.16 -25.34 -5.95
CA GLU A 93 -14.18 -26.64 -6.61
C GLU A 93 -13.12 -26.70 -7.70
N MET A 94 -13.02 -25.63 -8.50
CA MET A 94 -12.02 -25.56 -9.54
C MET A 94 -10.62 -25.58 -8.93
N ALA A 95 -10.44 -24.80 -7.85
CA ALA A 95 -9.11 -24.64 -7.26
C ALA A 95 -8.60 -25.96 -6.65
N ASP A 96 -9.51 -26.69 -6.01
CA ASP A 96 -9.15 -27.93 -5.31
C ASP A 96 -8.81 -29.01 -6.33
N ALA A 97 -9.62 -29.06 -7.38
CA ALA A 97 -9.41 -29.99 -8.48
C ALA A 97 -8.06 -29.71 -9.15
N PHE A 98 -7.74 -28.44 -9.37
CA PHE A 98 -6.47 -28.07 -9.99
C PHE A 98 -5.29 -28.59 -9.19
N LYS A 99 -5.27 -28.27 -7.91
CA LYS A 99 -4.16 -28.68 -7.05
C LYS A 99 -4.09 -30.21 -6.93
N SER A 100 -5.25 -30.84 -6.76
CA SER A 100 -5.33 -32.30 -6.61
C SER A 100 -4.86 -33.00 -7.89
N ASP A 101 -5.29 -32.50 -9.04
CA ASP A 101 -4.86 -33.03 -10.33
C ASP A 101 -3.39 -32.75 -10.66
N TYR A 102 -2.90 -31.58 -10.27
CA TYR A 102 -1.52 -31.19 -10.53
C TYR A 102 -0.55 -32.11 -9.80
N PHE A 103 -0.89 -32.50 -8.58
CA PHE A 103 0.04 -33.29 -7.79
C PHE A 103 -0.38 -34.76 -7.68
N ASN A 104 -1.57 -35.09 -8.18
CA ASN A 104 -2.19 -36.40 -8.00
C ASN A 104 -2.15 -36.80 -6.53
N MET A 105 -2.47 -35.84 -5.68
CA MET A 105 -2.55 -36.08 -4.24
C MET A 105 -3.81 -35.43 -3.68
N PRO A 106 -4.33 -35.94 -2.55
CA PRO A 106 -5.48 -35.26 -1.95
C PRO A 106 -5.14 -33.80 -1.73
N VAL A 107 -6.07 -32.94 -2.13
CA VAL A 107 -5.80 -31.52 -2.31
C VAL A 107 -5.17 -30.92 -1.06
N HIS A 108 -5.44 -31.50 0.09
CA HIS A 108 -4.93 -30.93 1.31
C HIS A 108 -3.76 -31.70 1.90
N MET A 109 -3.09 -32.55 1.10
CA MET A 109 -1.98 -33.40 1.58
C MET A 109 -0.61 -33.07 0.99
N VAL A 110 -0.54 -32.07 0.12
CA VAL A 110 0.74 -31.64 -0.46
C VAL A 110 1.56 -30.79 0.50
N PRO A 111 2.80 -31.20 0.78
CA PRO A 111 3.69 -30.47 1.69
C PRO A 111 3.95 -29.04 1.23
N THR A 112 4.00 -28.08 2.15
CA THR A 112 4.15 -26.67 1.74
C THR A 112 5.52 -26.47 1.11
N GLU A 113 6.54 -27.17 1.60
N GLU A 113 6.52 -27.16 1.64
CA GLU A 113 7.88 -27.03 1.04
CA GLU A 113 7.88 -27.19 1.09
C GLU A 113 7.96 -27.59 -0.39
C GLU A 113 7.87 -27.52 -0.40
N LEU A 114 7.04 -28.48 -0.75
CA LEU A 114 6.99 -28.99 -2.11
C LEU A 114 6.34 -28.01 -3.07
N VAL A 115 5.19 -27.47 -2.68
CA VAL A 115 4.53 -26.44 -3.50
C VAL A 115 5.46 -25.25 -3.75
N GLU A 116 6.21 -24.85 -2.74
CA GLU A 116 7.17 -23.74 -2.87
C GLU A 116 8.28 -24.04 -3.87
N LYS A 117 8.92 -25.19 -3.67
CA LYS A 117 9.96 -25.69 -4.58
C LYS A 117 9.37 -25.76 -5.98
N GLU A 118 8.14 -26.25 -6.07
CA GLU A 118 7.52 -26.43 -7.36
C GLU A 118 7.11 -25.12 -7.99
N PHE A 119 6.73 -24.15 -7.16
CA PHE A 119 6.37 -22.85 -7.70
C PHE A 119 7.59 -22.25 -8.40
N TRP A 120 8.73 -22.29 -7.73
CA TRP A 120 9.90 -21.63 -8.30
C TRP A 120 10.43 -22.41 -9.51
N ARG A 121 10.21 -23.72 -9.54
CA ARG A 121 10.57 -24.47 -10.75
C ARG A 121 9.70 -24.03 -11.91
N LEU A 122 8.40 -23.97 -11.71
CA LEU A 122 7.53 -23.74 -12.87
C LEU A 122 7.60 -22.31 -13.38
N VAL A 123 7.88 -21.34 -12.53
CA VAL A 123 8.00 -19.98 -13.04
C VAL A 123 9.30 -19.77 -13.82
N SER A 124 10.28 -20.65 -13.62
CA SER A 124 11.57 -20.48 -14.30
C SER A 124 11.61 -21.22 -15.65
N THR A 125 10.67 -22.15 -15.85
CA THR A 125 10.65 -23.02 -17.01
C THR A 125 9.69 -22.53 -18.10
N ILE A 126 10.21 -22.04 -19.20
CA ILE A 126 9.34 -21.45 -20.22
C ILE A 126 8.53 -22.51 -20.96
N GLU A 127 8.96 -23.77 -20.88
CA GLU A 127 8.23 -24.87 -21.50
C GLU A 127 6.90 -25.16 -20.82
N GLU A 128 6.78 -24.74 -19.56
CA GLU A 128 5.58 -24.98 -18.78
C GLU A 128 4.68 -23.75 -18.72
N ASP A 129 3.62 -23.71 -19.52
CA ASP A 129 2.71 -22.56 -19.48
C ASP A 129 1.49 -22.82 -18.57
N VAL A 130 1.72 -22.78 -17.27
CA VAL A 130 0.65 -22.89 -16.28
C VAL A 130 -0.05 -21.55 -16.10
N THR A 131 -1.37 -21.52 -16.25
CA THR A 131 -2.12 -20.31 -15.92
C THR A 131 -3.08 -20.60 -14.78
N VAL A 132 -3.23 -19.65 -13.87
CA VAL A 132 -4.15 -19.82 -12.74
C VAL A 132 -5.05 -18.61 -12.63
N GLU A 133 -6.05 -18.70 -11.76
CA GLU A 133 -7.03 -17.63 -11.59
C GLU A 133 -7.13 -17.23 -10.13
N TYR A 134 -7.56 -16.00 -9.87
CA TYR A 134 -7.67 -15.52 -8.50
C TYR A 134 -8.69 -14.40 -8.42
N GLY A 135 -9.12 -14.08 -7.21
CA GLY A 135 -9.98 -12.92 -6.99
C GLY A 135 -9.22 -11.80 -6.30
N ALA A 136 -9.45 -10.58 -6.77
CA ALA A 136 -8.92 -9.40 -6.06
C ALA A 136 -9.85 -8.22 -6.27
N ASP A 137 -10.39 -7.68 -5.17
CA ASP A 137 -11.28 -6.52 -5.21
C ASP A 137 -11.47 -5.92 -3.83
N ILE A 138 -11.93 -4.67 -3.80
CA ILE A 138 -12.42 -4.10 -2.55
C ILE A 138 -13.80 -4.69 -2.27
N ALA A 139 -14.24 -4.65 -1.01
CA ALA A 139 -15.55 -5.22 -0.65
C ALA A 139 -16.68 -4.58 -1.47
N SER A 140 -17.73 -5.36 -1.71
CA SER A 140 -18.92 -4.89 -2.41
C SER A 140 -20.12 -5.71 -1.97
N LYS A 141 -21.26 -5.48 -2.60
CA LYS A 141 -22.49 -6.20 -2.28
C LYS A 141 -22.39 -7.67 -2.69
N GLU A 142 -21.70 -7.93 -3.80
CA GLU A 142 -21.56 -9.28 -4.35
C GLU A 142 -20.57 -10.14 -3.56
N PHE A 143 -19.64 -9.48 -2.87
CA PHE A 143 -18.61 -10.16 -2.11
C PHE A 143 -18.09 -9.20 -1.05
N GLY A 144 -18.46 -9.45 0.21
CA GLY A 144 -18.19 -8.50 1.28
C GLY A 144 -16.99 -8.84 2.14
N SER A 145 -16.63 -7.91 3.03
CA SER A 145 -15.53 -8.13 3.97
C SER A 145 -15.66 -9.47 4.70
N GLY A 146 -14.54 -10.09 5.03
CA GLY A 146 -14.56 -11.28 5.85
C GLY A 146 -14.79 -10.96 7.31
N PHE A 147 -14.54 -9.69 7.68
CA PHE A 147 -14.78 -9.23 9.05
C PHE A 147 -16.21 -8.74 9.21
N PRO A 148 -16.75 -8.77 10.45
CA PRO A 148 -18.08 -8.22 10.73
C PRO A 148 -18.16 -6.74 10.38
N VAL A 149 -19.19 -6.35 9.63
CA VAL A 149 -19.48 -4.96 9.33
C VAL A 149 -20.89 -4.64 9.82
N ARG A 150 -21.38 -3.43 9.58
CA ARG A 150 -22.73 -3.05 10.00
C ARG A 150 -23.70 -2.88 8.83
N ASP A 151 -24.89 -3.45 8.95
CA ASP A 151 -26.07 -3.04 8.15
C ASP A 151 -27.37 -3.82 8.49
N GLY A 152 -28.18 -4.05 7.45
CA GLY A 152 -29.51 -4.64 7.59
C GLY A 152 -29.54 -6.15 7.79
N ILE A 154 -28.69 -6.62 8.70
CA ILE A 154 -28.68 -8.00 9.16
C ILE A 154 -28.33 -7.97 10.64
N LYS A 155 -29.10 -8.69 11.46
CA LYS A 155 -28.85 -8.71 12.90
C LYS A 155 -27.62 -9.52 13.23
N LEU A 156 -26.73 -8.93 14.02
CA LEU A 156 -25.47 -9.57 14.38
C LEU A 156 -25.60 -10.28 15.73
N SER A 157 -24.90 -11.41 15.85
CA SER A 157 -24.77 -12.13 17.12
C SER A 157 -23.82 -11.39 18.05
N PRO A 158 -23.91 -11.63 19.37
CA PRO A 158 -23.02 -10.96 20.34
C PRO A 158 -21.53 -11.16 20.04
N GLU A 159 -21.18 -12.30 19.47
CA GLU A 159 -19.79 -12.60 19.07
C GLU A 159 -19.30 -11.68 17.94
N GLU A 160 -20.14 -11.50 16.92
CA GLU A 160 -19.83 -10.61 15.80
C GLU A 160 -19.71 -9.17 16.26
N GLU A 161 -20.55 -8.79 17.23
CA GLU A 161 -20.52 -7.44 17.78
C GLU A 161 -19.21 -7.18 18.53
N GLU A 162 -18.69 -8.22 19.18
CA GLU A 162 -17.38 -8.14 19.84
C GLU A 162 -16.26 -7.71 18.89
N TYR A 163 -16.31 -8.21 17.66
CA TYR A 163 -15.22 -7.97 16.71
C TYR A 163 -15.54 -6.82 15.75
N LEU A 164 -16.74 -6.24 15.90
CA LEU A 164 -17.15 -5.12 15.06
C LEU A 164 -16.22 -3.92 15.23
N ASP A 165 -15.71 -3.74 16.44
CA ASP A 165 -14.98 -2.53 16.75
C ASP A 165 -13.53 -2.84 17.13
N SER A 166 -13.10 -4.07 16.90
CA SER A 166 -11.70 -4.41 17.13
C SER A 166 -10.76 -3.54 16.30
N GLY A 167 -9.61 -3.18 16.86
CA GLY A 167 -8.58 -2.51 16.09
C GLY A 167 -8.04 -3.40 14.98
N TRP A 168 -8.15 -4.71 15.17
CA TRP A 168 -7.65 -5.67 14.18
C TRP A 168 -8.67 -6.08 13.13
N ASN A 169 -9.90 -5.59 13.28
CA ASN A 169 -10.88 -5.65 12.19
C ASN A 169 -10.42 -4.66 11.13
N LEU A 170 -9.93 -5.17 10.00
CA LEU A 170 -9.24 -4.32 9.04
C LEU A 170 -10.13 -3.23 8.44
N ASN A 171 -11.46 -3.39 8.49
CA ASN A 171 -12.35 -2.31 8.07
C ASN A 171 -12.21 -1.04 8.91
N ASN A 172 -11.77 -1.21 10.15
CA ASN A 172 -11.62 -0.09 11.07
C ASN A 172 -10.28 0.63 10.91
N MET A 173 -9.31 -0.06 10.33
CA MET A 173 -7.98 0.51 10.16
C MET A 173 -7.98 1.86 9.44
N PRO A 174 -8.76 1.99 8.34
CA PRO A 174 -8.82 3.34 7.76
C PRO A 174 -9.24 4.39 8.79
N VAL A 175 -10.50 4.32 9.22
CA VAL A 175 -11.10 5.35 10.06
C VAL A 175 -10.61 5.41 11.53
N MET A 176 -9.44 4.88 11.84
CA MET A 176 -8.95 4.96 13.21
C MET A 176 -7.98 6.13 13.42
N GLU A 177 -7.96 6.64 14.66
CA GLU A 177 -7.35 7.92 15.00
C GLU A 177 -5.82 7.89 15.14
N GLN A 178 -5.20 6.78 14.73
CA GLN A 178 -3.75 6.71 14.74
C GLN A 178 -3.22 6.44 13.34
N SER A 179 -4.13 6.17 12.40
CA SER A 179 -3.79 6.12 10.98
C SER A 179 -4.08 7.46 10.33
N VAL A 180 -3.04 8.17 9.92
CA VAL A 180 -3.22 9.50 9.38
C VAL A 180 -4.01 9.48 8.07
N LEU A 181 -4.09 8.32 7.43
CA LEU A 181 -4.95 8.14 6.25
C LEU A 181 -6.42 8.42 6.55
N ALA A 182 -6.80 8.26 7.81
CA ALA A 182 -8.17 8.49 8.27
C ALA A 182 -8.62 9.91 7.97
N HIS A 183 -7.69 10.84 8.14
CA HIS A 183 -8.01 12.24 8.06
C HIS A 183 -8.10 12.73 6.62
N ILE A 184 -7.56 11.94 5.68
CA ILE A 184 -7.69 12.28 4.27
C ILE A 184 -9.18 12.31 3.90
N THR A 185 -9.58 13.39 3.25
CA THR A 185 -10.96 13.55 2.83
C THR A 185 -11.09 13.15 1.37
N ALA A 186 -9.96 13.18 0.65
CA ALA A 186 -9.93 12.75 -0.74
C ALA A 186 -10.39 11.30 -0.91
N ASP A 187 -10.99 11.03 -2.07
CA ASP A 187 -11.41 9.68 -2.43
C ASP A 187 -10.18 8.87 -2.80
N ILE A 188 -9.76 8.01 -1.90
CA ILE A 188 -8.63 7.12 -2.19
C ILE A 188 -9.00 5.71 -1.74
N CYS A 189 -10.16 5.24 -2.20
CA CYS A 189 -10.70 3.94 -1.79
C CYS A 189 -9.71 2.80 -1.98
N GLY A 190 -8.90 2.85 -3.04
CA GLY A 190 -7.87 1.86 -3.28
C GLY A 190 -6.90 1.69 -2.13
N MET A 191 -6.70 2.76 -1.35
CA MET A 191 -5.77 2.74 -0.23
C MET A 191 -6.41 2.61 1.13
N LYS A 192 -7.59 3.20 1.30
CA LYS A 192 -8.23 3.22 2.62
C LYS A 192 -9.10 2.00 2.86
N LEU A 193 -9.60 1.40 1.78
CA LEU A 193 -10.51 0.26 1.91
C LEU A 193 -9.73 -1.05 1.80
N PRO A 194 -10.16 -2.07 2.55
CA PRO A 194 -9.51 -3.38 2.44
C PRO A 194 -9.72 -4.03 1.08
N TRP A 195 -8.71 -4.76 0.63
CA TRP A 195 -8.86 -5.61 -0.56
C TRP A 195 -9.18 -7.03 -0.11
N LEU A 196 -10.01 -7.71 -0.88
CA LEU A 196 -10.32 -9.13 -0.67
C LEU A 196 -9.60 -9.99 -1.71
N TYR A 197 -8.87 -11.01 -1.24
CA TYR A 197 -8.11 -11.88 -2.15
C TYR A 197 -8.51 -13.35 -2.01
N VAL A 198 -9.12 -13.88 -3.05
CA VAL A 198 -9.43 -15.30 -3.11
C VAL A 198 -8.33 -16.05 -3.89
N GLY A 199 -7.57 -16.89 -3.18
CA GLY A 199 -6.45 -17.57 -3.80
C GLY A 199 -6.70 -19.02 -4.25
N MET A 200 -5.81 -19.50 -5.12
CA MET A 200 -5.70 -20.92 -5.45
C MET A 200 -4.21 -21.28 -5.55
N CYS A 201 -3.92 -22.57 -5.63
CA CYS A 201 -2.53 -23.03 -5.68
C CYS A 201 -1.75 -22.29 -6.75
N PHE A 202 -0.62 -21.69 -6.34
CA PHE A 202 0.29 -20.95 -7.21
C PHE A 202 -0.14 -19.53 -7.61
N SER A 203 -1.39 -19.11 -7.34
CA SER A 203 -1.74 -17.73 -7.68
C SER A 203 -0.84 -16.87 -6.79
N SER A 204 -0.31 -15.80 -7.36
CA SER A 204 0.78 -15.09 -6.70
C SER A 204 0.68 -13.58 -6.84
N PHE A 205 1.34 -12.89 -5.93
CA PHE A 205 1.44 -11.44 -6.06
C PHE A 205 2.89 -11.09 -6.27
N CYS A 206 3.16 -10.29 -7.31
CA CYS A 206 4.53 -9.94 -7.68
C CYS A 206 5.19 -9.00 -6.69
N TRP A 207 6.51 -8.89 -6.79
CA TRP A 207 7.26 -7.99 -5.92
C TRP A 207 6.71 -6.55 -6.03
N HIS A 208 6.43 -5.93 -4.89
CA HIS A 208 5.95 -4.55 -4.87
C HIS A 208 6.15 -3.97 -3.49
N ILE A 209 6.09 -2.64 -3.41
CA ILE A 209 5.93 -1.95 -2.15
C ILE A 209 4.60 -1.20 -2.22
N GLU A 210 4.11 -0.75 -1.07
CA GLU A 210 2.80 -0.09 -1.05
C GLU A 210 2.86 1.35 -1.55
N ASP A 211 1.76 1.84 -2.09
CA ASP A 211 1.67 3.23 -2.50
C ASP A 211 2.02 4.15 -1.34
N HIS A 212 2.80 5.20 -1.62
CA HIS A 212 3.30 6.13 -0.61
C HIS A 212 4.10 5.47 0.53
N TRP A 213 4.68 4.30 0.24
CA TRP A 213 5.47 3.55 1.20
C TRP A 213 4.71 3.30 2.50
N SER A 214 3.41 3.08 2.40
CA SER A 214 2.65 2.83 3.62
C SER A 214 2.96 1.44 4.20
N TYR A 215 2.47 1.21 5.41
CA TYR A 215 2.38 -0.14 5.98
C TYR A 215 1.29 -0.92 5.28
N SER A 216 1.31 -2.25 5.34
CA SER A 216 0.12 -3.01 5.02
C SER A 216 -0.05 -4.13 6.06
N ILE A 217 -1.27 -4.59 6.22
CA ILE A 217 -1.55 -5.70 7.11
C ILE A 217 -2.52 -6.62 6.38
N ASN A 218 -2.19 -7.91 6.38
N ASN A 218 -2.16 -7.90 6.37
CA ASN A 218 -2.92 -8.94 5.65
CA ASN A 218 -2.92 -8.94 5.70
C ASN A 218 -3.43 -9.99 6.63
C ASN A 218 -3.44 -9.94 6.70
N TYR A 219 -4.70 -10.30 6.56
CA TYR A 219 -5.26 -11.31 7.44
C TYR A 219 -5.74 -12.46 6.62
N LEU A 220 -5.27 -13.66 6.94
CA LEU A 220 -5.76 -14.86 6.27
C LEU A 220 -6.97 -15.40 7.03
N HIS A 221 -8.15 -15.22 6.43
CA HIS A 221 -9.40 -15.60 7.08
C HIS A 221 -9.52 -17.13 7.20
N TRP A 222 -9.45 -17.80 6.06
N TRP A 222 -9.43 -17.80 6.06
CA TRP A 222 -9.57 -19.25 6.01
CA TRP A 222 -9.65 -19.24 5.96
C TRP A 222 -8.68 -19.82 4.91
C TRP A 222 -8.83 -19.86 4.82
N GLY A 223 -8.45 -21.12 4.99
CA GLY A 223 -7.89 -21.90 3.88
C GLY A 223 -6.47 -22.27 4.02
N GLU A 224 -5.91 -22.74 2.91
CA GLU A 224 -4.53 -23.18 2.90
C GLU A 224 -3.58 -21.97 3.00
N PRO A 225 -2.35 -22.20 3.46
CA PRO A 225 -1.47 -21.07 3.75
C PRO A 225 -1.11 -20.18 2.57
N LYS A 226 -0.59 -19.01 2.90
CA LYS A 226 -0.09 -18.05 1.93
C LYS A 226 1.40 -17.91 2.20
N THR A 227 2.22 -18.13 1.19
CA THR A 227 3.66 -18.10 1.38
C THR A 227 4.19 -16.72 1.01
N TRP A 228 5.00 -16.12 1.89
CA TRP A 228 5.47 -14.74 1.73
C TRP A 228 6.98 -14.63 1.61
N TYR A 229 7.43 -13.67 0.82
CA TYR A 229 8.81 -13.21 0.89
C TYR A 229 8.84 -11.71 1.15
N GLY A 230 9.77 -11.27 1.98
CA GLY A 230 9.85 -9.88 2.37
C GLY A 230 11.28 -9.42 2.45
N VAL A 231 11.48 -8.16 2.07
CA VAL A 231 12.78 -7.51 2.11
C VAL A 231 12.66 -6.23 2.97
N PRO A 232 13.62 -5.99 3.88
CA PRO A 232 13.47 -4.82 4.74
C PRO A 232 13.57 -3.50 3.97
N GLY A 233 12.96 -2.46 4.52
CA GLY A 233 12.94 -1.16 3.88
C GLY A 233 14.29 -0.60 3.46
N TYR A 234 15.32 -0.90 4.24
CA TYR A 234 16.63 -0.33 3.95
C TYR A 234 17.28 -0.92 2.70
N ALA A 235 16.73 -2.01 2.19
CA ALA A 235 17.34 -2.69 1.05
C ALA A 235 16.54 -2.45 -0.22
N ALA A 236 15.56 -1.55 -0.12
CA ALA A 236 14.66 -1.28 -1.26
C ALA A 236 15.40 -0.95 -2.58
N GLU A 237 16.34 -0.01 -2.50
CA GLU A 237 17.04 0.40 -3.73
C GLU A 237 18.03 -0.66 -4.19
N GLN A 238 18.63 -1.34 -3.23
CA GLN A 238 19.44 -2.50 -3.54
C GLN A 238 18.62 -3.52 -4.37
N LEU A 239 17.41 -3.84 -3.92
CA LEU A 239 16.55 -4.75 -4.70
C LEU A 239 16.22 -4.19 -6.09
N GLU A 240 15.97 -2.89 -6.15
CA GLU A 240 15.57 -2.27 -7.39
C GLU A 240 16.73 -2.29 -8.39
N ASN A 241 17.95 -2.10 -7.90
CA ASN A 241 19.15 -2.24 -8.75
C ASN A 241 19.20 -3.62 -9.42
N VAL A 242 19.07 -4.67 -8.60
CA VAL A 242 19.08 -6.03 -9.10
C VAL A 242 17.99 -6.23 -10.15
N MET A 243 16.79 -5.73 -9.86
CA MET A 243 15.67 -5.86 -10.77
C MET A 243 15.92 -5.16 -12.11
N LYS A 244 16.45 -3.93 -12.06
CA LYS A 244 16.78 -3.20 -13.29
C LYS A 244 17.76 -3.99 -14.16
N LYS A 245 18.75 -4.57 -13.51
CA LYS A 245 19.76 -5.35 -14.23
C LYS A 245 19.14 -6.53 -15.00
N LEU A 246 18.26 -7.29 -14.36
CA LEU A 246 17.77 -8.53 -14.96
C LEU A 246 16.49 -8.36 -15.77
N ALA A 247 15.74 -7.29 -15.51
CA ALA A 247 14.51 -7.04 -16.26
C ALA A 247 14.21 -5.54 -16.42
N PRO A 248 15.07 -4.83 -17.18
CA PRO A 248 14.92 -3.37 -17.34
C PRO A 248 13.61 -2.97 -18.02
N GLU A 249 12.99 -3.90 -18.74
CA GLU A 249 11.72 -3.66 -19.41
C GLU A 249 10.61 -3.25 -18.42
N LEU A 250 10.77 -3.63 -17.15
CA LEU A 250 9.80 -3.28 -16.12
C LEU A 250 9.91 -1.83 -15.71
N PHE A 251 10.96 -1.16 -16.16
CA PHE A 251 11.31 0.17 -15.67
C PHE A 251 11.11 1.31 -16.67
N VAL A 252 10.58 1.00 -17.84
CA VAL A 252 10.20 2.05 -18.78
C VAL A 252 9.00 2.81 -18.17
N SER A 253 9.00 4.13 -18.31
CA SER A 253 8.03 4.99 -17.60
C SER A 253 6.58 4.56 -17.81
N GLN A 254 5.83 4.49 -16.73
CA GLN A 254 4.43 4.10 -16.77
C GLN A 254 3.55 5.28 -17.21
N PRO A 255 2.69 5.04 -18.20
CA PRO A 255 1.77 6.07 -18.73
C PRO A 255 0.67 6.43 -17.74
N ASP A 256 0.37 5.52 -16.80
CA ASP A 256 -0.65 5.74 -15.78
C ASP A 256 -0.34 4.92 -14.53
N LEU A 257 -1.16 5.11 -13.49
CA LEU A 257 -1.08 4.26 -12.30
C LEU A 257 -1.77 2.92 -12.56
N LEU A 258 -2.47 2.84 -13.69
CA LEU A 258 -3.14 1.61 -14.11
C LEU A 258 -2.26 0.76 -15.01
N HIS A 259 -0.99 1.15 -15.12
CA HIS A 259 -0.03 0.41 -15.94
C HIS A 259 1.30 0.24 -15.21
N GLN A 260 1.23 0.00 -13.91
CA GLN A 260 2.42 -0.27 -13.10
C GLN A 260 2.88 -1.71 -13.33
N LEU A 261 4.09 -1.86 -13.82
CA LEU A 261 4.62 -3.18 -14.13
C LEU A 261 5.35 -3.79 -12.93
N VAL A 262 5.02 -5.04 -12.64
CA VAL A 262 5.63 -5.79 -11.54
C VAL A 262 5.98 -7.19 -12.03
N THR A 263 6.84 -7.90 -11.29
CA THR A 263 7.21 -9.23 -11.71
C THR A 263 7.50 -10.23 -10.58
N ILE A 264 7.45 -11.50 -10.94
CA ILE A 264 7.88 -12.61 -10.11
C ILE A 264 9.38 -12.76 -10.23
N MET A 265 10.09 -12.83 -9.12
CA MET A 265 11.53 -13.06 -9.19
C MET A 265 12.01 -13.89 -8.01
N ASN A 266 12.78 -14.93 -8.32
CA ASN A 266 13.27 -15.87 -7.32
C ASN A 266 14.04 -15.19 -6.21
N PRO A 267 13.61 -15.37 -4.96
CA PRO A 267 14.34 -14.78 -3.84
C PRO A 267 15.79 -15.22 -3.77
N ASN A 268 16.14 -16.41 -4.28
CA ASN A 268 17.55 -16.84 -4.26
C ASN A 268 18.37 -15.92 -5.15
N THR A 269 17.77 -15.47 -6.24
CA THR A 269 18.45 -14.52 -7.11
C THR A 269 18.81 -13.25 -6.33
N LEU A 270 17.86 -12.75 -5.54
CA LEU A 270 18.11 -11.58 -4.70
C LEU A 270 19.19 -11.87 -3.64
N MET A 271 19.06 -13.01 -2.97
CA MET A 271 20.01 -13.37 -1.93
C MET A 271 21.43 -13.52 -2.46
N THR A 272 21.53 -14.00 -3.69
CA THR A 272 22.82 -14.10 -4.38
C THR A 272 23.45 -12.73 -4.53
N HIS A 273 22.62 -11.72 -4.77
CA HIS A 273 23.13 -10.36 -4.93
C HIS A 273 23.13 -9.57 -3.63
N GLU A 274 23.21 -10.29 -2.51
CA GLU A 274 23.38 -9.69 -1.18
C GLU A 274 22.16 -8.90 -0.70
N VAL A 275 21.00 -9.15 -1.29
CA VAL A 275 19.76 -8.57 -0.78
C VAL A 275 19.17 -9.47 0.29
N PRO A 276 18.99 -8.96 1.50
CA PRO A 276 18.37 -9.76 2.57
C PRO A 276 16.90 -10.09 2.28
N VAL A 277 16.54 -11.36 2.41
CA VAL A 277 15.19 -11.81 2.12
C VAL A 277 14.69 -12.73 3.21
N TYR A 278 13.45 -12.56 3.65
CA TYR A 278 12.88 -13.43 4.67
C TYR A 278 11.62 -14.06 4.13
N ARG A 279 11.22 -15.20 4.71
CA ARG A 279 10.01 -15.86 4.26
C ARG A 279 9.10 -16.14 5.42
N THR A 280 7.86 -16.48 5.11
CA THR A 280 7.01 -17.12 6.09
C THR A 280 5.86 -17.84 5.39
N ASN A 281 5.28 -18.82 6.08
CA ASN A 281 3.98 -19.35 5.68
C ASN A 281 2.95 -18.77 6.64
N GLN A 282 2.05 -17.97 6.09
CA GLN A 282 0.97 -17.41 6.87
C GLN A 282 -0.16 -18.41 6.85
N CYS A 283 -0.59 -18.85 8.02
CA CYS A 283 -1.71 -19.77 8.10
C CYS A 283 -2.99 -19.05 8.51
N ALA A 284 -4.12 -19.72 8.31
CA ALA A 284 -5.44 -19.16 8.64
C ALA A 284 -5.48 -18.64 10.08
N GLY A 285 -6.05 -17.45 10.26
CA GLY A 285 -6.09 -16.82 11.57
C GLY A 285 -4.84 -16.04 11.88
N GLU A 286 -3.88 -15.96 10.96
CA GLU A 286 -2.67 -15.18 11.26
C GLU A 286 -2.56 -13.88 10.44
N PHE A 287 -1.87 -12.90 11.01
CA PHE A 287 -1.64 -11.61 10.35
C PHE A 287 -0.23 -11.54 9.82
N VAL A 288 -0.09 -11.00 8.61
CA VAL A 288 1.21 -10.52 8.15
C VAL A 288 1.23 -8.99 8.08
N ILE A 289 2.31 -8.37 8.51
CA ILE A 289 2.43 -6.92 8.43
C ILE A 289 3.67 -6.57 7.61
N THR A 290 3.51 -5.65 6.67
CA THR A 290 4.64 -5.18 5.89
C THR A 290 4.95 -3.76 6.30
N PHE A 291 6.23 -3.44 6.35
CA PHE A 291 6.66 -2.15 6.86
C PHE A 291 6.97 -1.20 5.71
N PRO A 292 7.09 0.11 6.01
CA PRO A 292 7.29 1.08 4.92
C PRO A 292 8.46 0.76 4.01
N ARG A 293 8.18 0.76 2.72
CA ARG A 293 9.16 0.49 1.67
C ARG A 293 9.76 -0.94 1.72
N ALA A 294 9.08 -1.85 2.43
CA ALA A 294 9.49 -3.27 2.43
C ALA A 294 8.91 -4.02 1.24
N TYR A 295 9.77 -4.37 0.29
CA TYR A 295 9.32 -5.16 -0.85
C TYR A 295 8.80 -6.52 -0.36
N HIS A 296 7.71 -6.99 -0.96
CA HIS A 296 7.18 -8.31 -0.62
C HIS A 296 6.55 -8.93 -1.82
N SER A 297 6.51 -10.26 -1.82
CA SER A 297 5.85 -11.06 -2.84
C SER A 297 5.40 -12.37 -2.20
N GLY A 298 4.65 -13.18 -2.93
CA GLY A 298 4.25 -14.46 -2.39
C GLY A 298 3.30 -15.23 -3.29
N PHE A 299 2.81 -16.36 -2.81
CA PHE A 299 1.89 -17.15 -3.62
C PHE A 299 1.02 -17.97 -2.67
N ASN A 300 -0.13 -18.41 -3.15
CA ASN A 300 -1.02 -19.22 -2.32
C ASN A 300 -0.74 -20.71 -2.48
N GLN A 301 -0.71 -21.41 -1.34
CA GLN A 301 -0.53 -22.85 -1.32
C GLN A 301 -1.74 -23.58 -1.85
N GLY A 302 -2.90 -22.94 -1.77
CA GLY A 302 -4.12 -23.57 -2.23
C GLY A 302 -5.28 -22.60 -2.06
N PHE A 303 -6.50 -23.13 -2.10
CA PHE A 303 -7.72 -22.35 -1.95
C PHE A 303 -7.73 -21.62 -0.61
N ASN A 304 -7.86 -20.30 -0.65
CA ASN A 304 -7.92 -19.53 0.57
C ASN A 304 -8.56 -18.17 0.38
N PHE A 305 -8.58 -17.38 1.45
CA PHE A 305 -9.27 -16.08 1.48
C PHE A 305 -8.59 -15.15 2.44
N ALA A 306 -8.08 -14.04 1.91
CA ALA A 306 -7.31 -13.08 2.67
C ALA A 306 -7.93 -11.71 2.49
N GLU A 307 -7.62 -10.83 3.43
CA GLU A 307 -8.11 -9.46 3.44
C GLU A 307 -6.97 -8.60 3.91
N ALA A 308 -6.71 -7.51 3.18
CA ALA A 308 -5.56 -6.67 3.46
C ALA A 308 -5.89 -5.18 3.36
N VAL A 309 -5.15 -4.36 4.09
CA VAL A 309 -5.41 -2.93 4.03
C VAL A 309 -4.13 -2.14 4.28
N ASN A 310 -4.03 -0.98 3.63
CA ASN A 310 -2.95 -0.04 3.88
C ASN A 310 -3.22 0.74 5.15
N PHE A 311 -2.16 1.19 5.81
CA PHE A 311 -2.32 2.16 6.89
C PHE A 311 -1.02 2.90 7.12
N CYS A 312 -1.14 4.05 7.78
CA CYS A 312 -0.01 4.91 8.03
C CYS A 312 -0.04 5.41 9.47
N THR A 313 1.00 5.08 10.22
CA THR A 313 1.15 5.55 11.59
C THR A 313 1.92 6.88 11.60
N VAL A 314 2.10 7.48 12.78
CA VAL A 314 2.87 8.73 12.89
C VAL A 314 4.32 8.50 12.51
N ASP A 315 4.83 7.32 12.84
CA ASP A 315 6.18 6.91 12.46
C ASP A 315 6.42 7.17 10.98
N TRP A 316 5.40 6.88 10.17
CA TRP A 316 5.52 6.89 8.73
C TRP A 316 5.62 8.30 8.13
N LEU A 317 5.11 9.31 8.82
CA LEU A 317 4.98 10.65 8.20
C LEU A 317 6.24 11.13 7.46
N PRO A 318 7.43 11.09 8.10
CA PRO A 318 8.62 11.52 7.37
C PRO A 318 8.91 10.68 6.13
N LEU A 319 8.67 9.38 6.22
CA LEU A 319 8.84 8.49 5.08
C LEU A 319 7.87 8.84 3.96
N GLY A 320 6.65 9.19 4.34
CA GLY A 320 5.67 9.63 3.36
C GLY A 320 6.14 10.83 2.57
N ARG A 321 6.76 11.80 3.24
CA ARG A 321 7.32 12.97 2.55
C ARG A 321 8.45 12.55 1.61
N GLN A 322 9.35 11.71 2.11
N GLN A 322 9.35 11.71 2.11
CA GLN A 322 10.46 11.21 1.31
CA GLN A 322 10.47 11.22 1.29
C GLN A 322 9.96 10.46 0.09
C GLN A 322 9.95 10.46 0.08
N CYS A 323 8.88 9.68 0.26
CA CYS A 323 8.31 8.94 -0.84
C CYS A 323 7.82 9.85 -1.96
N VAL A 324 7.11 10.93 -1.60
CA VAL A 324 6.56 11.82 -2.63
C VAL A 324 7.68 12.52 -3.38
N GLU A 325 8.75 12.85 -2.67
CA GLU A 325 9.98 13.30 -3.28
C GLU A 325 10.54 12.26 -4.28
N HIS A 326 10.62 11.00 -3.84
CA HIS A 326 11.08 9.94 -4.73
C HIS A 326 10.19 9.81 -5.97
N TYR A 327 8.87 9.85 -5.79
CA TYR A 327 7.93 9.86 -6.91
C TYR A 327 8.22 10.98 -7.92
N ARG A 328 8.54 12.16 -7.39
CA ARG A 328 8.82 13.32 -8.24
C ARG A 328 10.03 13.04 -9.13
N LEU A 329 11.13 12.59 -8.54
CA LEU A 329 12.31 12.17 -9.32
C LEU A 329 11.98 11.18 -10.43
N LEU A 330 11.07 10.26 -10.14
CA LEU A 330 10.69 9.19 -11.07
C LEU A 330 9.60 9.59 -12.03
N HIS A 331 9.02 10.77 -11.83
CA HIS A 331 7.82 11.17 -12.54
C HIS A 331 6.68 10.17 -12.34
N ARG A 332 6.53 9.64 -11.13
CA ARG A 332 5.42 8.73 -10.83
C ARG A 332 4.21 9.47 -10.22
N TYR A 333 3.00 9.09 -10.64
CA TYR A 333 1.78 9.66 -10.07
C TYR A 333 1.62 9.37 -8.58
N CYS A 334 1.03 10.33 -7.87
CA CYS A 334 0.72 10.19 -6.46
C CYS A 334 -0.70 9.68 -6.30
N VAL A 335 -0.97 8.99 -5.21
CA VAL A 335 -2.33 8.59 -4.92
C VAL A 335 -3.07 9.76 -4.24
N PHE A 336 -2.36 10.48 -3.38
CA PHE A 336 -2.94 11.68 -2.76
C PHE A 336 -1.84 12.71 -2.58
N SER A 337 -2.23 13.93 -2.24
CA SER A 337 -1.25 14.94 -1.86
C SER A 337 -0.90 14.81 -0.38
N HIS A 338 0.38 14.61 -0.11
CA HIS A 338 0.86 14.48 1.24
C HIS A 338 0.71 15.82 2.00
N ASP A 339 1.05 16.90 1.33
CA ASP A 339 0.95 18.21 1.97
C ASP A 339 -0.51 18.53 2.27
N GLU A 340 -1.41 18.15 1.37
CA GLU A 340 -2.83 18.38 1.60
C GLU A 340 -3.26 17.65 2.87
N MET A 341 -2.77 16.43 3.04
CA MET A 341 -3.11 15.67 4.23
C MET A 341 -2.57 16.35 5.50
N ILE A 342 -1.33 16.82 5.46
CA ILE A 342 -0.74 17.49 6.61
C ILE A 342 -1.58 18.73 6.98
N CYS A 343 -1.94 19.54 6.00
CA CYS A 343 -2.69 20.77 6.25
C CYS A 343 -4.10 20.47 6.71
N LYS A 344 -4.69 19.41 6.19
CA LYS A 344 -6.01 18.99 6.67
C LYS A 344 -5.92 18.66 8.16
N MET A 345 -4.85 17.98 8.55
CA MET A 345 -4.73 17.64 9.96
C MET A 345 -4.48 18.89 10.83
N ALA A 346 -3.59 19.78 10.37
CA ALA A 346 -3.37 21.07 11.05
C ALA A 346 -4.68 21.83 11.26
N SER A 347 -5.53 21.83 10.25
CA SER A 347 -6.82 22.51 10.34
C SER A 347 -7.75 21.86 11.34
N LYS A 348 -7.38 20.69 11.85
CA LYS A 348 -8.19 19.98 12.84
C LYS A 348 -7.37 19.72 14.10
N ALA A 349 -6.40 20.60 14.36
CA ALA A 349 -5.43 20.39 15.43
C ALA A 349 -6.11 20.18 16.78
N ASP A 350 -7.24 20.83 17.02
CA ASP A 350 -7.90 20.79 18.32
C ASP A 350 -8.47 19.41 18.65
N VAL A 351 -8.78 18.60 17.64
CA VAL A 351 -9.35 17.29 17.91
C VAL A 351 -8.36 16.16 17.64
N LEU A 352 -7.10 16.52 17.41
CA LEU A 352 -6.08 15.53 17.12
C LEU A 352 -5.56 14.88 18.38
N ASP A 353 -5.31 13.58 18.30
CA ASP A 353 -4.49 12.89 19.28
C ASP A 353 -3.20 13.70 19.48
N VAL A 354 -2.77 13.87 20.73
CA VAL A 354 -1.66 14.81 21.00
C VAL A 354 -0.30 14.31 20.50
N VAL A 355 -0.12 13.00 20.38
CA VAL A 355 1.12 12.48 19.84
C VAL A 355 1.14 12.73 18.34
N VAL A 356 -0.03 12.56 17.74
CA VAL A 356 -0.21 12.83 16.33
C VAL A 356 0.12 14.28 16.06
N ALA A 357 -0.49 15.18 16.83
CA ALA A 357 -0.28 16.61 16.67
C ALA A 357 1.19 16.94 16.71
N SER A 358 1.91 16.32 17.63
CA SER A 358 3.34 16.59 17.75
C SER A 358 4.14 16.17 16.50
N THR A 359 3.82 15.01 15.96
CA THR A 359 4.55 14.50 14.81
C THR A 359 4.19 15.26 13.52
N VAL A 360 2.91 15.60 13.38
CA VAL A 360 2.45 16.42 12.27
C VAL A 360 3.14 17.78 12.30
N GLN A 361 3.30 18.31 13.50
CA GLN A 361 3.94 19.59 13.66
C GLN A 361 5.36 19.60 13.08
N LYS A 362 6.12 18.55 13.36
CA LYS A 362 7.48 18.46 12.83
C LYS A 362 7.52 18.33 11.30
N ASP A 363 6.61 17.53 10.73
CA ASP A 363 6.54 17.43 9.27
C ASP A 363 6.13 18.76 8.67
N MET A 364 5.17 19.44 9.30
CA MET A 364 4.71 20.72 8.81
C MET A 364 5.83 21.75 8.78
N ALA A 365 6.69 21.72 9.79
CA ALA A 365 7.82 22.65 9.85
C ALA A 365 8.77 22.46 8.69
N ILE A 366 9.00 21.20 8.31
CA ILE A 366 9.86 20.92 7.16
C ILE A 366 9.16 21.39 5.89
N MET A 367 7.86 21.13 5.80
CA MET A 367 7.07 21.54 4.65
C MET A 367 7.19 23.06 4.44
N ILE A 368 7.03 23.80 5.53
CA ILE A 368 7.00 25.25 5.44
C ILE A 368 8.37 25.78 5.04
N GLU A 369 9.42 25.24 5.65
CA GLU A 369 10.75 25.68 5.28
C GLU A 369 11.08 25.33 3.82
N ASP A 370 10.71 24.15 3.34
CA ASP A 370 10.93 23.82 1.93
C ASP A 370 10.12 24.76 1.02
N GLU A 371 8.89 25.06 1.42
CA GLU A 371 8.02 25.92 0.60
C GLU A 371 8.57 27.34 0.54
N LYS A 372 9.07 27.85 1.67
CA LYS A 372 9.70 29.15 1.70
C LYS A 372 10.83 29.25 0.66
N ALA A 373 11.70 28.26 0.63
CA ALA A 373 12.84 28.26 -0.28
C ALA A 373 12.42 28.15 -1.74
N LEU A 374 11.46 27.30 -2.04
CA LEU A 374 10.95 27.16 -3.39
C LEU A 374 10.34 28.46 -3.92
N ARG A 375 9.59 29.14 -3.07
CA ARG A 375 8.94 30.39 -3.49
C ARG A 375 9.98 31.49 -3.74
N GLU A 376 11.03 31.50 -2.92
CA GLU A 376 12.12 32.47 -3.12
C GLU A 376 12.81 32.22 -4.44
N THR A 377 13.03 30.95 -4.76
CA THR A 377 13.62 30.58 -6.04
C THR A 377 12.77 30.98 -7.24
N VAL A 378 11.46 30.76 -7.20
CA VAL A 378 10.68 31.11 -8.38
C VAL A 378 10.51 32.65 -8.49
N ARG A 379 10.49 33.36 -7.36
CA ARG A 379 10.49 34.83 -7.42
C ARG A 379 11.77 35.30 -8.17
N LYS A 380 12.91 34.70 -7.84
CA LYS A 380 14.16 35.07 -8.49
C LYS A 380 14.20 34.68 -9.94
N LEU A 381 13.27 33.84 -10.39
CA LEU A 381 13.18 33.49 -11.81
C LEU A 381 12.30 34.48 -12.56
N GLY A 382 11.73 35.42 -11.80
CA GLY A 382 10.96 36.49 -12.42
C GLY A 382 9.45 36.27 -12.38
N VAL A 383 9.01 35.32 -11.58
CA VAL A 383 7.57 35.11 -11.43
C VAL A 383 7.09 36.07 -10.37
N ILE A 384 6.23 36.99 -10.74
CA ILE A 384 5.85 38.06 -9.81
C ILE A 384 4.38 37.99 -9.43
N ASP A 385 3.55 37.80 -10.43
CA ASP A 385 2.12 37.77 -10.19
C ASP A 385 1.75 36.53 -9.37
N SER A 386 0.77 36.64 -8.49
CA SER A 386 0.34 35.48 -7.74
C SER A 386 -1.15 35.57 -7.39
N GLU A 387 -1.78 34.43 -7.18
CA GLU A 387 -3.15 34.36 -6.69
C GLU A 387 -3.38 33.11 -5.86
N ARG A 388 -4.11 33.25 -4.77
CA ARG A 388 -4.48 32.12 -3.94
C ARG A 388 -5.30 31.16 -4.81
N MET A 389 -5.13 29.87 -4.57
CA MET A 389 -5.90 28.87 -5.32
C MET A 389 -6.22 27.70 -4.41
N ASP A 390 -7.49 27.33 -4.35
CA ASP A 390 -7.93 26.18 -3.56
C ASP A 390 -7.69 24.86 -4.30
N PHE A 391 -6.44 24.41 -4.30
CA PHE A 391 -6.05 23.20 -5.01
C PHE A 391 -6.90 22.00 -4.68
N GLU A 392 -7.37 21.91 -3.43
CA GLU A 392 -8.07 20.69 -3.01
C GLU A 392 -9.42 20.54 -3.73
N LEU A 393 -9.88 21.59 -4.38
CA LEU A 393 -11.14 21.52 -5.14
C LEU A 393 -10.95 20.93 -6.55
N LEU A 394 -9.72 20.95 -7.05
CA LEU A 394 -9.43 20.41 -8.38
C LEU A 394 -9.34 18.91 -8.35
N PRO A 395 -9.97 18.25 -9.34
CA PRO A 395 -9.69 16.81 -9.54
C PRO A 395 -8.18 16.60 -9.66
N ASP A 396 -7.68 15.48 -9.18
CA ASP A 396 -6.24 15.21 -9.20
C ASP A 396 -5.64 15.36 -10.60
N ASP A 397 -6.36 14.88 -11.61
CA ASP A 397 -5.85 14.92 -12.97
C ASP A 397 -5.81 16.35 -13.50
N GLU A 398 -6.37 17.29 -12.74
CA GLU A 398 -6.27 18.68 -13.14
C GLU A 398 -5.22 19.44 -12.33
N ARG A 399 -4.49 18.78 -11.44
CA ARG A 399 -3.46 19.51 -10.71
C ARG A 399 -2.16 18.73 -10.57
N GLN A 400 -1.81 17.98 -11.60
CA GLN A 400 -0.51 17.34 -11.64
C GLN A 400 0.50 18.15 -12.43
N CYS A 401 1.72 18.22 -11.91
CA CYS A 401 2.80 18.89 -12.62
C CYS A 401 2.97 18.23 -14.00
N VAL A 402 2.93 19.00 -15.09
CA VAL A 402 3.01 18.38 -16.41
C VAL A 402 4.33 17.65 -16.60
N LYS A 403 5.36 18.08 -15.89
CA LYS A 403 6.66 17.44 -15.96
C LYS A 403 6.83 16.21 -15.06
N CYS A 404 6.65 16.36 -13.75
CA CYS A 404 6.98 15.24 -12.83
C CYS A 404 5.75 14.52 -12.30
N LYS A 405 4.58 14.97 -12.74
CA LYS A 405 3.28 14.38 -12.41
C LYS A 405 2.87 14.46 -10.92
N THR A 406 3.65 15.17 -10.10
CA THR A 406 3.29 15.29 -8.68
C THR A 406 1.94 16.01 -8.53
N THR A 407 1.17 15.61 -7.51
CA THR A 407 -0.09 16.26 -7.23
C THR A 407 0.18 17.57 -6.46
N CYS A 408 -0.16 18.69 -7.08
CA CYS A 408 0.08 20.00 -6.45
C CYS A 408 -0.89 20.31 -5.32
N PHE A 409 -0.41 20.98 -4.30
CA PHE A 409 -1.32 21.50 -3.28
C PHE A 409 -0.81 22.79 -2.67
N MET A 410 0.44 22.82 -2.24
CA MET A 410 0.98 24.02 -1.59
C MET A 410 1.07 25.15 -2.60
N SER A 411 1.58 24.82 -3.79
CA SER A 411 1.68 25.79 -4.87
C SER A 411 2.00 25.18 -6.22
N ALA A 412 1.81 25.99 -7.25
CA ALA A 412 2.12 25.59 -8.62
C ALA A 412 2.33 26.83 -9.46
N ILE A 413 2.84 26.65 -10.67
CA ILE A 413 2.95 27.75 -11.61
C ILE A 413 2.02 27.53 -12.77
N SER A 414 1.28 28.56 -13.11
CA SER A 414 0.42 28.51 -14.28
C SER A 414 0.86 29.60 -15.25
N CYS A 415 0.32 29.55 -16.44
CA CYS A 415 0.55 30.58 -17.45
C CYS A 415 -0.63 30.70 -18.38
N SER A 416 -1.09 31.94 -18.60
CA SER A 416 -2.18 32.24 -19.54
C SER A 416 -1.95 31.65 -20.94
N CYS A 417 -0.67 31.50 -21.31
N CYS A 417 -0.69 31.48 -21.32
CA CYS A 417 -0.26 30.90 -22.58
CA CYS A 417 -0.39 30.89 -22.63
C CYS A 417 -0.66 29.42 -22.69
C CYS A 417 -0.74 29.41 -22.70
N LYS A 418 -0.71 28.72 -21.56
CA LYS A 418 -1.07 27.30 -21.53
C LYS A 418 -2.18 27.05 -20.53
N PRO A 419 -3.42 27.39 -20.90
CA PRO A 419 -4.57 27.35 -20.00
C PRO A 419 -4.77 25.99 -19.33
N GLY A 420 -4.96 25.98 -18.02
CA GLY A 420 -5.25 24.75 -17.30
C GLY A 420 -4.06 23.87 -16.98
N LEU A 421 -2.89 24.17 -17.55
CA LEU A 421 -1.70 23.39 -17.23
C LEU A 421 -0.94 23.97 -16.04
N LEU A 422 -0.25 23.11 -15.31
CA LEU A 422 0.50 23.52 -14.13
C LEU A 422 1.82 22.80 -14.06
N VAL A 423 2.78 23.44 -13.38
CA VAL A 423 3.99 22.77 -12.96
C VAL A 423 4.19 23.05 -11.50
N CYS A 424 4.84 22.13 -10.78
CA CYS A 424 5.23 22.37 -9.41
C CYS A 424 6.41 23.33 -9.43
N LEU A 425 6.83 23.78 -8.27
CA LEU A 425 7.85 24.83 -8.23
C LEU A 425 9.25 24.30 -8.59
N HIS A 426 9.41 22.99 -8.65
CA HIS A 426 10.68 22.40 -9.12
C HIS A 426 10.83 22.48 -10.62
N HIS A 427 9.73 22.71 -11.31
CA HIS A 427 9.71 22.62 -12.78
C HIS A 427 9.13 23.83 -13.49
N VAL A 428 9.35 24.99 -12.90
CA VAL A 428 8.94 26.27 -13.48
C VAL A 428 9.35 26.40 -14.95
N LYS A 429 10.57 25.99 -15.30
CA LYS A 429 11.06 26.08 -16.70
C LYS A 429 10.31 25.21 -17.70
N GLU A 430 9.50 24.28 -17.20
CA GLU A 430 8.95 23.21 -18.03
C GLU A 430 7.54 23.43 -18.50
N LEU A 431 6.96 24.58 -18.20
CA LEU A 431 5.54 24.79 -18.48
C LEU A 431 5.29 25.29 -19.90
N CYS A 432 6.01 26.34 -20.31
CA CYS A 432 5.85 26.90 -21.65
C CYS A 432 7.03 27.81 -22.03
N SER A 433 6.96 28.40 -23.21
CA SER A 433 8.07 29.20 -23.71
C SER A 433 7.89 30.70 -23.46
N CYS A 434 6.74 31.10 -22.93
CA CYS A 434 6.50 32.50 -22.59
C CYS A 434 7.46 32.96 -21.49
N PRO A 435 7.80 34.26 -21.46
CA PRO A 435 8.65 34.78 -20.37
C PRO A 435 7.98 34.69 -19.00
N PRO A 436 8.77 34.35 -17.97
CA PRO A 436 8.26 34.19 -16.60
C PRO A 436 7.41 35.34 -16.05
N TYR A 437 7.48 36.55 -16.56
CA TYR A 437 6.57 37.58 -16.02
C TYR A 437 5.13 37.31 -16.46
N LYS A 438 4.95 36.46 -17.45
CA LYS A 438 3.59 36.05 -17.81
C LYS A 438 3.08 34.92 -16.92
N TYR A 439 3.92 34.44 -16.02
CA TYR A 439 3.55 33.31 -15.16
C TYR A 439 2.83 33.79 -13.93
N LYS A 440 2.18 32.87 -13.24
CA LYS A 440 1.49 33.21 -12.03
C LYS A 440 1.80 32.12 -11.00
N LEU A 441 2.19 32.52 -9.80
CA LEU A 441 2.29 31.57 -8.71
C LEU A 441 0.90 31.37 -8.11
N ARG A 442 0.40 30.14 -8.13
CA ARG A 442 -0.88 29.81 -7.48
C ARG A 442 -0.55 29.17 -6.16
N TYR A 443 -1.10 29.67 -5.06
CA TYR A 443 -0.67 29.16 -3.76
C TYR A 443 -1.88 28.88 -2.91
N ARG A 444 -1.81 27.87 -2.06
CA ARG A 444 -2.94 27.57 -1.20
C ARG A 444 -2.97 28.47 0.04
N TYR A 445 -1.80 28.69 0.64
CA TYR A 445 -1.65 29.48 1.86
C TYR A 445 -0.48 30.44 1.71
N THR A 446 -0.57 31.63 2.34
CA THR A 446 0.60 32.48 2.48
C THR A 446 1.43 31.87 3.60
N LEU A 447 2.72 32.20 3.64
CA LEU A 447 3.52 31.85 4.81
C LEU A 447 2.88 32.33 6.10
N ASP A 448 2.19 33.47 6.05
CA ASP A 448 1.51 34.00 7.22
C ASP A 448 0.28 33.20 7.65
N ASP A 449 -0.41 32.50 6.74
CA ASP A 449 -1.46 31.55 7.16
C ASP A 449 -0.85 30.31 7.81
N LEU A 450 0.31 29.89 7.30
CA LEU A 450 0.89 28.60 7.67
C LEU A 450 1.43 28.55 9.11
N TYR A 451 2.22 29.56 9.52
CA TYR A 451 2.79 29.55 10.88
C TYR A 451 1.73 29.41 12.00
N PRO A 452 0.60 30.13 11.93
CA PRO A 452 -0.46 29.88 12.92
C PRO A 452 -1.06 28.48 12.91
N MET A 453 -1.17 27.86 11.72
CA MET A 453 -1.68 26.49 11.64
C MET A 453 -0.70 25.61 12.41
N MET A 454 0.59 25.84 12.20
CA MET A 454 1.58 25.03 12.87
C MET A 454 1.55 25.29 14.38
N ASN A 455 1.28 26.53 14.79
N ASN A 455 1.26 26.52 14.77
CA ASN A 455 1.17 26.86 16.22
CA ASN A 455 1.17 26.88 16.17
C ASN A 455 0.04 26.13 16.91
C ASN A 455 0.03 26.18 16.91
N ALA A 456 -1.09 26.00 16.22
CA ALA A 456 -2.22 25.26 16.80
C ALA A 456 -1.80 23.83 17.14
N LEU A 457 -1.02 23.22 16.24
CA LEU A 457 -0.47 21.88 16.47
C LEU A 457 0.42 21.87 17.72
N LYS A 458 1.28 22.87 17.84
CA LYS A 458 2.18 22.95 18.98
C LYS A 458 1.41 23.05 20.30
N LEU A 459 0.39 23.90 20.33
CA LEU A 459 -0.48 24.03 21.50
C LEU A 459 -1.20 22.73 21.82
N ARG A 460 -1.64 22.01 20.80
CA ARG A 460 -2.35 20.77 21.05
C ARG A 460 -1.36 19.71 21.54
N ALA A 461 -0.17 19.69 20.96
CA ALA A 461 0.90 18.80 21.42
C ALA A 461 1.28 19.18 22.85
N GLU A 462 1.01 20.43 23.19
CA GLU A 462 1.28 21.03 24.50
C GLU A 462 2.78 21.11 24.74
N SER A 463 3.48 21.71 23.78
CA SER A 463 4.93 21.90 23.84
C SER A 463 5.31 23.35 23.54
#